data_1PT9
#
_entry.id   1PT9
#
_cell.length_a   57.400
_cell.length_b   57.400
_cell.length_c   251.130
_cell.angle_alpha   90.00
_cell.angle_beta   90.00
_cell.angle_gamma   90.00
#
_symmetry.space_group_name_H-M   'P 41 2 2'
#
loop_
_entity.id
_entity.type
_entity.pdbx_description
1 polymer 'NAD(P) transhydrogenase, mitochondrial'
2 non-polymer 'SULFATE ION'
3 non-polymer '7-THIONICOTINAMIDE-ADENINE-DINUCLEOTIDE PHOSPHATE'
4 non-polymer GLYCEROL
5 water water
#
_entity_poly.entity_id   1
_entity_poly.type   'polypeptide(L)'
_entity_poly.pdbx_seq_one_letter_code
;MNRSLANVILGGYGTTSTAGGKPMEISGTHTEINLDNAIDMIREANSIIITPGYGLCAAKAQYPIADLVKMLTEQGKKVR
FGIHPVAGRMPGQLNVLLAEAGVPYDIVLEMDEINHDFPDTDLVLVIGANDTVNSAAQEDPNSIIAGMPVLEVWKSKQVI
VMKRSLGVGYAAVDNPIFYKPNTAMLLGDAKKTCDALQAKVRESYQK
;
_entity_poly.pdbx_strand_id   A,B
#
# COMPACT_ATOMS: atom_id res chain seq x y z
N PRO A 23 -12.68 31.73 -14.41
CA PRO A 23 -11.72 32.29 -13.43
C PRO A 23 -11.36 31.23 -12.41
N MET A 24 -10.63 30.22 -12.85
CA MET A 24 -10.21 29.12 -11.98
C MET A 24 -8.70 29.11 -11.86
N GLU A 25 -8.21 28.49 -10.79
CA GLU A 25 -6.78 28.38 -10.58
C GLU A 25 -6.46 27.38 -9.47
N ILE A 26 -5.31 26.73 -9.63
CA ILE A 26 -4.82 25.75 -8.66
C ILE A 26 -3.31 25.88 -8.70
N SER A 27 -2.67 25.71 -7.55
CA SER A 27 -1.22 25.84 -7.52
C SER A 27 -0.60 24.59 -6.91
N GLY A 28 0.72 24.52 -6.97
CA GLY A 28 1.43 23.39 -6.43
C GLY A 28 2.74 23.89 -5.89
N THR A 29 3.18 23.32 -4.77
CA THR A 29 4.42 23.75 -4.15
C THR A 29 5.39 22.59 -4.06
N HIS A 30 6.58 22.78 -4.60
CA HIS A 30 7.61 21.75 -4.57
C HIS A 30 8.86 22.34 -3.93
N THR A 31 9.76 21.50 -3.46
CA THR A 31 10.98 21.98 -2.84
C THR A 31 12.22 21.53 -3.62
N GLU A 32 13.24 22.38 -3.64
CA GLU A 32 14.47 22.06 -4.34
C GLU A 32 15.60 22.14 -3.33
N ILE A 33 16.48 21.14 -3.35
CA ILE A 33 17.60 21.11 -2.43
C ILE A 33 18.86 21.31 -3.26
N ASN A 34 20.00 21.50 -2.60
CA ASN A 34 21.24 21.68 -3.32
C ASN A 34 22.09 20.44 -3.19
N LEU A 35 23.18 20.42 -3.93
CA LEU A 35 24.09 19.28 -3.92
C LEU A 35 24.48 18.92 -2.49
N ASP A 36 25.02 19.88 -1.75
CA ASP A 36 25.47 19.66 -0.37
C ASP A 36 24.38 19.04 0.48
N ASN A 37 23.17 19.56 0.37
CA ASN A 37 22.05 19.04 1.13
C ASN A 37 21.83 17.58 0.69
N ALA A 38 22.00 17.31 -0.60
CA ALA A 38 21.82 15.96 -1.13
C ALA A 38 22.81 14.99 -0.47
N ILE A 39 24.09 15.36 -0.44
CA ILE A 39 25.10 14.51 0.17
C ILE A 39 24.74 14.17 1.62
N ASP A 40 24.12 15.11 2.33
CA ASP A 40 23.73 14.87 3.71
C ASP A 40 22.72 13.73 3.82
N MET A 41 21.63 13.83 3.06
CA MET A 41 20.60 12.81 3.08
C MET A 41 21.21 11.45 2.71
N ILE A 42 22.17 11.48 1.80
CA ILE A 42 22.84 10.27 1.34
C ILE A 42 23.79 9.71 2.40
N ARG A 43 24.60 10.58 3.00
CA ARG A 43 25.54 10.16 4.04
C ARG A 43 24.81 9.78 5.33
N GLU A 44 23.59 10.29 5.47
CA GLU A 44 22.77 10.03 6.64
C GLU A 44 21.91 8.77 6.53
N ALA A 45 21.49 8.43 5.32
CA ALA A 45 20.65 7.26 5.09
C ALA A 45 21.40 5.94 5.23
N ASN A 46 20.73 4.93 5.80
CA ASN A 46 21.33 3.62 5.97
C ASN A 46 20.97 2.72 4.79
N SER A 47 19.70 2.77 4.40
CA SER A 47 19.21 1.97 3.27
C SER A 47 18.74 2.89 2.14
N ILE A 48 19.29 2.67 0.95
CA ILE A 48 18.94 3.48 -0.21
C ILE A 48 18.44 2.62 -1.39
N ILE A 49 17.49 3.16 -2.14
CA ILE A 49 16.96 2.49 -3.32
C ILE A 49 16.99 3.51 -4.46
N ILE A 50 17.64 3.14 -5.56
CA ILE A 50 17.75 4.01 -6.72
C ILE A 50 16.85 3.52 -7.85
N THR A 51 15.93 4.37 -8.28
CA THR A 51 15.02 4.02 -9.37
C THR A 51 15.35 4.84 -10.62
N PRO A 52 16.09 4.25 -11.57
CA PRO A 52 16.47 4.96 -12.80
C PRO A 52 15.39 4.88 -13.88
N GLY A 53 15.47 5.76 -14.86
CA GLY A 53 14.50 5.75 -15.94
C GLY A 53 15.09 6.29 -17.23
N TYR A 54 14.24 6.71 -18.15
CA TYR A 54 14.70 7.24 -19.43
C TYR A 54 15.76 8.31 -19.31
N GLY A 55 15.61 9.19 -18.31
CA GLY A 55 16.57 10.28 -18.11
C GLY A 55 17.99 9.83 -17.88
N LEU A 56 18.18 8.78 -17.09
CA LEU A 56 19.51 8.28 -16.82
C LEU A 56 20.17 7.81 -18.12
N CYS A 57 19.36 7.26 -19.03
CA CYS A 57 19.86 6.79 -20.33
C CYS A 57 20.28 7.97 -21.20
N ALA A 58 19.34 8.88 -21.44
CA ALA A 58 19.62 10.05 -22.26
C ALA A 58 20.89 10.77 -21.83
N ALA A 59 21.14 10.82 -20.52
CA ALA A 59 22.32 11.50 -19.99
C ALA A 59 23.57 10.61 -19.93
N LYS A 60 23.36 9.29 -20.04
CA LYS A 60 24.47 8.34 -19.99
C LYS A 60 25.11 8.43 -18.61
N ALA A 61 24.27 8.46 -17.58
CA ALA A 61 24.75 8.57 -16.20
C ALA A 61 24.93 7.22 -15.49
N GLN A 62 24.98 6.13 -16.25
CA GLN A 62 25.15 4.79 -15.64
C GLN A 62 26.44 4.76 -14.85
N TYR A 63 27.51 5.24 -15.47
CA TYR A 63 28.84 5.25 -14.88
C TYR A 63 28.98 6.00 -13.55
N PRO A 64 28.69 7.32 -13.52
CA PRO A 64 28.83 8.02 -12.24
C PRO A 64 27.97 7.44 -11.11
N ILE A 65 26.72 7.11 -11.38
CA ILE A 65 25.86 6.54 -10.35
C ILE A 65 26.36 5.16 -9.89
N ALA A 66 27.06 4.46 -10.78
CA ALA A 66 27.60 3.14 -10.45
C ALA A 66 28.78 3.32 -9.51
N ASP A 67 29.60 4.32 -9.79
CA ASP A 67 30.77 4.61 -8.97
C ASP A 67 30.30 4.98 -7.57
N LEU A 68 29.31 5.85 -7.51
CA LEU A 68 28.73 6.30 -6.24
C LEU A 68 28.22 5.10 -5.45
N VAL A 69 27.40 4.28 -6.08
CA VAL A 69 26.86 3.10 -5.41
C VAL A 69 27.98 2.19 -4.89
N LYS A 70 29.09 2.16 -5.61
CA LYS A 70 30.20 1.33 -5.18
C LYS A 70 30.73 1.84 -3.84
N MET A 71 31.04 3.13 -3.78
CA MET A 71 31.56 3.77 -2.57
C MET A 71 30.63 3.63 -1.36
N LEU A 72 29.35 3.91 -1.56
CA LEU A 72 28.37 3.84 -0.50
C LEU A 72 28.25 2.42 0.05
N THR A 73 28.50 1.44 -0.80
CA THR A 73 28.41 0.04 -0.40
C THR A 73 29.64 -0.37 0.42
N GLU A 74 30.76 0.30 0.17
CA GLU A 74 32.00 0.01 0.89
C GLU A 74 31.95 0.72 2.24
N GLN A 75 30.86 1.44 2.47
CA GLN A 75 30.67 2.17 3.71
C GLN A 75 29.55 1.54 4.53
N GLY A 76 29.28 0.28 4.26
CA GLY A 76 28.25 -0.43 4.99
C GLY A 76 26.82 -0.09 4.61
N LYS A 77 26.64 0.85 3.68
CA LYS A 77 25.29 1.23 3.27
C LYS A 77 24.68 0.20 2.33
N LYS A 78 23.36 0.03 2.47
CA LYS A 78 22.62 -0.91 1.62
C LYS A 78 22.04 -0.10 0.45
N VAL A 79 22.65 -0.25 -0.73
CA VAL A 79 22.22 0.47 -1.92
C VAL A 79 21.79 -0.51 -3.01
N ARG A 80 20.54 -0.38 -3.48
CA ARG A 80 20.00 -1.24 -4.53
C ARG A 80 19.18 -0.45 -5.54
N PHE A 81 19.04 -0.98 -6.75
CA PHE A 81 18.24 -0.31 -7.76
C PHE A 81 16.88 -0.99 -7.88
N GLY A 82 15.87 -0.21 -8.25
CA GLY A 82 14.52 -0.74 -8.45
C GLY A 82 14.15 -0.46 -9.90
N ILE A 83 14.11 -1.49 -10.74
CA ILE A 83 13.81 -1.32 -12.17
C ILE A 83 12.36 -1.61 -12.58
N HIS A 84 11.70 -0.62 -13.18
CA HIS A 84 10.33 -0.79 -13.65
C HIS A 84 10.38 -1.60 -14.96
N PRO A 85 9.45 -2.54 -15.15
CA PRO A 85 9.44 -3.36 -16.36
C PRO A 85 9.47 -2.55 -17.65
N VAL A 86 8.81 -1.40 -17.65
CA VAL A 86 8.76 -0.56 -18.83
C VAL A 86 9.50 0.78 -18.63
N ALA A 87 10.62 0.72 -17.93
CA ALA A 87 11.43 1.90 -17.68
C ALA A 87 12.28 2.13 -18.91
N GLY A 88 12.49 3.39 -19.28
CA GLY A 88 13.29 3.69 -20.44
C GLY A 88 12.49 3.61 -21.74
N ARG A 89 13.13 3.16 -22.80
CA ARG A 89 12.44 3.05 -24.09
C ARG A 89 12.51 1.66 -24.74
N MET A 90 13.10 0.70 -24.04
CA MET A 90 13.21 -0.67 -24.53
C MET A 90 13.14 -1.60 -23.32
N PRO A 91 12.59 -2.82 -23.50
CA PRO A 91 12.51 -3.75 -22.37
C PRO A 91 13.89 -4.05 -21.78
N GLY A 92 14.00 -3.97 -20.46
CA GLY A 92 15.26 -4.24 -19.80
C GLY A 92 16.41 -3.36 -20.25
N GLN A 93 16.10 -2.18 -20.77
CA GLN A 93 17.14 -1.27 -21.21
C GLN A 93 18.01 -0.76 -20.05
N LEU A 94 17.38 -0.42 -18.94
CA LEU A 94 18.14 0.08 -17.80
C LEU A 94 19.06 -1.01 -17.23
N ASN A 95 18.62 -2.26 -17.28
CA ASN A 95 19.43 -3.36 -16.79
C ASN A 95 20.73 -3.47 -17.59
N VAL A 96 20.61 -3.31 -18.90
CA VAL A 96 21.78 -3.41 -19.77
C VAL A 96 22.78 -2.29 -19.49
N LEU A 97 22.27 -1.07 -19.41
CA LEU A 97 23.12 0.08 -19.17
C LEU A 97 23.83 0.00 -17.81
N LEU A 98 23.13 -0.46 -16.79
CA LEU A 98 23.75 -0.58 -15.48
C LEU A 98 24.83 -1.64 -15.50
N ALA A 99 24.53 -2.78 -16.12
CA ALA A 99 25.48 -3.87 -16.20
C ALA A 99 26.72 -3.43 -16.97
N GLU A 100 26.52 -2.57 -17.97
CA GLU A 100 27.63 -2.07 -18.76
C GLU A 100 28.55 -1.20 -17.89
N ALA A 101 27.97 -0.55 -16.89
CA ALA A 101 28.73 0.33 -16.01
C ALA A 101 29.41 -0.46 -14.90
N GLY A 102 28.99 -1.71 -14.70
CA GLY A 102 29.63 -2.53 -13.69
C GLY A 102 28.81 -2.87 -12.46
N VAL A 103 27.59 -2.34 -12.39
CA VAL A 103 26.75 -2.60 -11.24
C VAL A 103 26.53 -4.11 -11.06
N PRO A 104 26.65 -4.61 -9.82
CA PRO A 104 26.46 -6.03 -9.52
C PRO A 104 25.02 -6.47 -9.79
N TYR A 105 24.85 -7.47 -10.66
CA TYR A 105 23.52 -7.97 -11.01
C TYR A 105 22.69 -8.28 -9.78
N ASP A 106 23.37 -8.61 -8.68
CA ASP A 106 22.70 -8.96 -7.43
C ASP A 106 22.00 -7.80 -6.71
N ILE A 107 22.43 -6.57 -6.97
CA ILE A 107 21.79 -5.42 -6.34
C ILE A 107 20.81 -4.71 -7.27
N VAL A 108 20.63 -5.24 -8.47
CA VAL A 108 19.69 -4.68 -9.44
C VAL A 108 18.45 -5.57 -9.40
N LEU A 109 17.40 -5.08 -8.74
CA LEU A 109 16.17 -5.85 -8.61
C LEU A 109 15.04 -5.29 -9.44
N GLU A 110 14.07 -6.15 -9.75
CA GLU A 110 12.92 -5.74 -10.55
C GLU A 110 11.83 -5.18 -9.63
N MET A 111 10.96 -4.35 -10.19
CA MET A 111 9.89 -3.72 -9.44
C MET A 111 9.14 -4.66 -8.50
N ASP A 112 8.62 -5.76 -9.03
CA ASP A 112 7.86 -6.70 -8.22
C ASP A 112 8.59 -7.29 -7.03
N GLU A 113 9.93 -7.31 -7.10
CA GLU A 113 10.72 -7.87 -6.01
C GLU A 113 11.12 -6.87 -4.92
N ILE A 114 11.28 -5.61 -5.30
CA ILE A 114 11.71 -4.59 -4.36
C ILE A 114 10.61 -3.63 -3.92
N ASN A 115 9.51 -3.60 -4.64
CA ASN A 115 8.44 -2.68 -4.32
C ASN A 115 7.94 -2.73 -2.88
N HIS A 116 7.94 -3.91 -2.28
CA HIS A 116 7.47 -4.00 -0.90
C HIS A 116 8.48 -3.48 0.13
N ASP A 117 9.64 -3.03 -0.34
CA ASP A 117 10.66 -2.50 0.54
C ASP A 117 10.73 -0.98 0.62
N PHE A 118 9.85 -0.28 -0.10
CA PHE A 118 9.90 1.17 -0.05
C PHE A 118 9.56 1.74 1.33
N PRO A 119 8.52 1.20 1.99
CA PRO A 119 8.16 1.71 3.31
C PRO A 119 9.28 1.54 4.36
N ASP A 120 10.21 0.63 4.10
CA ASP A 120 11.30 0.37 5.01
C ASP A 120 12.62 0.95 4.51
N THR A 121 12.53 1.93 3.62
CA THR A 121 13.74 2.53 3.05
C THR A 121 13.94 3.97 3.49
N ASP A 122 15.19 4.34 3.75
CA ASP A 122 15.53 5.68 4.19
C ASP A 122 15.54 6.70 3.06
N LEU A 123 16.22 6.36 1.97
CA LEU A 123 16.32 7.28 0.85
C LEU A 123 16.16 6.64 -0.55
N VAL A 124 15.30 7.24 -1.35
CA VAL A 124 15.07 6.76 -2.71
C VAL A 124 15.55 7.83 -3.68
N LEU A 125 16.59 7.54 -4.44
CA LEU A 125 17.08 8.50 -5.41
C LEU A 125 16.43 8.21 -6.76
N VAL A 126 15.47 9.05 -7.15
CA VAL A 126 14.80 8.86 -8.42
C VAL A 126 15.64 9.57 -9.48
N ILE A 127 16.37 8.79 -10.28
CA ILE A 127 17.21 9.38 -11.32
C ILE A 127 16.61 9.24 -12.74
N GLY A 128 16.28 10.38 -13.34
CA GLY A 128 15.72 10.40 -14.67
C GLY A 128 14.51 9.50 -14.85
N ALA A 129 13.68 9.40 -13.81
CA ALA A 129 12.49 8.59 -13.89
C ALA A 129 11.31 9.49 -13.57
N ASN A 130 10.13 9.14 -14.06
CA ASN A 130 8.95 9.95 -13.79
C ASN A 130 7.67 9.13 -13.89
N ASP A 131 7.26 8.77 -15.10
CA ASP A 131 6.06 7.96 -15.29
C ASP A 131 6.12 6.69 -14.44
N THR A 132 7.29 6.07 -14.33
CA THR A 132 7.41 4.84 -13.55
C THR A 132 7.28 5.01 -12.04
N VAL A 133 7.28 6.24 -11.56
CA VAL A 133 7.15 6.51 -10.12
C VAL A 133 6.01 7.51 -9.91
N ASN A 134 5.05 7.53 -10.83
CA ASN A 134 3.94 8.46 -10.75
C ASN A 134 2.82 7.95 -9.84
N SER A 135 2.69 8.56 -8.66
CA SER A 135 1.67 8.16 -7.68
C SER A 135 0.24 8.44 -8.11
N ALA A 136 0.05 9.18 -9.21
CA ALA A 136 -1.29 9.48 -9.71
C ALA A 136 -1.97 8.19 -10.16
N ALA A 137 -1.17 7.15 -10.37
CA ALA A 137 -1.66 5.85 -10.81
C ALA A 137 -2.57 5.29 -9.73
N GLN A 138 -2.22 5.54 -8.47
CA GLN A 138 -3.01 5.05 -7.34
C GLN A 138 -3.87 6.12 -6.67
N GLU A 139 -3.50 7.39 -6.84
CA GLU A 139 -4.22 8.49 -6.20
C GLU A 139 -5.31 9.19 -6.99
N ASP A 140 -5.22 9.15 -8.32
CA ASP A 140 -6.22 9.80 -9.17
C ASP A 140 -6.95 8.78 -10.03
N PRO A 141 -8.25 8.56 -9.73
CA PRO A 141 -9.12 7.62 -10.44
C PRO A 141 -9.39 8.01 -11.89
N ASN A 142 -9.34 9.30 -12.19
CA ASN A 142 -9.58 9.79 -13.55
C ASN A 142 -8.27 9.96 -14.32
N SER A 143 -7.19 9.37 -13.84
CA SER A 143 -5.90 9.47 -14.51
C SER A 143 -5.76 8.46 -15.66
N ILE A 144 -5.05 8.87 -16.72
CA ILE A 144 -4.84 7.97 -17.84
C ILE A 144 -3.90 6.82 -17.49
N ILE A 145 -3.26 6.88 -16.33
CA ILE A 145 -2.39 5.79 -15.92
C ILE A 145 -2.96 5.14 -14.68
N ALA A 146 -4.21 5.46 -14.38
CA ALA A 146 -4.89 4.91 -13.21
C ALA A 146 -4.83 3.39 -13.17
N GLY A 147 -4.22 2.85 -12.11
CA GLY A 147 -4.12 1.42 -11.96
C GLY A 147 -2.78 0.86 -12.40
N MET A 148 -2.15 1.53 -13.37
CA MET A 148 -0.85 1.09 -13.90
C MET A 148 0.15 0.90 -12.76
N PRO A 149 0.75 -0.29 -12.67
CA PRO A 149 1.74 -0.53 -11.61
C PRO A 149 2.89 0.46 -11.68
N VAL A 150 3.29 1.00 -10.52
CA VAL A 150 4.39 1.96 -10.45
C VAL A 150 5.29 1.67 -9.24
N LEU A 151 6.53 2.11 -9.32
CA LEU A 151 7.46 1.94 -8.21
C LEU A 151 6.95 2.92 -7.15
N GLU A 152 6.55 2.40 -6.00
CA GLU A 152 6.02 3.22 -4.91
C GLU A 152 7.10 3.89 -4.07
N VAL A 153 7.84 4.79 -4.70
CA VAL A 153 8.93 5.50 -4.06
C VAL A 153 8.49 6.46 -2.95
N TRP A 154 7.31 7.03 -3.10
CA TRP A 154 6.79 7.98 -2.14
C TRP A 154 6.54 7.40 -0.76
N LYS A 155 6.65 6.08 -0.62
CA LYS A 155 6.42 5.44 0.66
C LYS A 155 7.66 5.40 1.52
N SER A 156 8.83 5.64 0.94
CA SER A 156 10.05 5.62 1.72
C SER A 156 10.15 6.91 2.55
N LYS A 157 11.11 6.99 3.45
CA LYS A 157 11.26 8.17 4.29
C LYS A 157 11.51 9.45 3.52
N GLN A 158 12.55 9.47 2.70
CA GLN A 158 12.92 10.64 1.92
C GLN A 158 13.16 10.31 0.44
N VAL A 159 12.57 11.09 -0.45
CA VAL A 159 12.73 10.89 -1.89
C VAL A 159 13.46 12.08 -2.54
N ILE A 160 14.48 11.78 -3.33
CA ILE A 160 15.19 12.82 -4.05
C ILE A 160 15.00 12.57 -5.55
N VAL A 161 14.29 13.47 -6.24
CA VAL A 161 14.03 13.33 -7.66
C VAL A 161 15.06 14.10 -8.48
N MET A 162 15.84 13.39 -9.29
CA MET A 162 16.86 14.01 -10.12
C MET A 162 16.49 14.06 -11.60
N LYS A 163 16.06 15.24 -12.04
CA LYS A 163 15.69 15.47 -13.43
C LYS A 163 15.99 16.94 -13.69
N ARG A 164 15.79 17.40 -14.91
CA ARG A 164 16.10 18.79 -15.23
C ARG A 164 15.06 19.81 -14.81
N SER A 165 13.85 19.36 -14.57
CA SER A 165 12.78 20.27 -14.17
C SER A 165 11.61 19.47 -13.62
N LEU A 166 10.43 20.10 -13.58
CA LEU A 166 9.23 19.41 -13.12
C LEU A 166 8.43 19.02 -14.38
N GLY A 167 9.16 18.90 -15.49
CA GLY A 167 8.56 18.54 -16.77
C GLY A 167 7.98 17.14 -16.74
N VAL A 168 7.10 16.86 -17.70
CA VAL A 168 6.47 15.56 -17.78
C VAL A 168 7.36 14.53 -18.44
N GLY A 169 6.92 13.27 -18.39
CA GLY A 169 7.65 12.19 -19.02
C GLY A 169 6.91 11.76 -20.29
N TYR A 170 7.16 10.53 -20.75
CA TYR A 170 6.51 9.99 -21.96
C TYR A 170 5.00 10.16 -21.99
N ALA A 171 4.35 9.78 -20.90
CA ALA A 171 2.90 9.86 -20.79
C ALA A 171 2.34 11.28 -20.70
N ALA A 172 3.22 12.27 -20.78
CA ALA A 172 2.82 13.67 -20.73
C ALA A 172 1.79 13.96 -19.64
N VAL A 173 2.07 13.47 -18.44
CA VAL A 173 1.14 13.68 -17.33
C VAL A 173 1.89 14.19 -16.08
N ASP A 174 1.23 15.08 -15.34
CA ASP A 174 1.82 15.64 -14.12
C ASP A 174 2.03 14.53 -13.09
N ASN A 175 3.09 14.63 -12.32
CA ASN A 175 3.39 13.62 -11.29
C ASN A 175 3.24 14.23 -9.88
N PRO A 176 2.28 13.73 -9.09
CA PRO A 176 2.06 14.26 -7.73
C PRO A 176 3.22 14.17 -6.76
N ILE A 177 4.12 13.20 -6.94
CA ILE A 177 5.22 13.07 -6.00
C ILE A 177 6.14 14.30 -5.94
N PHE A 178 6.02 15.20 -6.91
CA PHE A 178 6.85 16.41 -6.96
C PHE A 178 6.47 17.41 -5.85
N TYR A 179 5.19 17.39 -5.47
CA TYR A 179 4.66 18.30 -4.45
C TYR A 179 4.38 17.60 -3.13
N LYS A 180 4.99 16.44 -2.92
CA LYS A 180 4.80 15.69 -1.68
C LYS A 180 5.82 16.15 -0.63
N PRO A 181 5.39 16.25 0.63
CA PRO A 181 6.26 16.68 1.74
C PRO A 181 7.61 15.98 1.79
N ASN A 182 7.62 14.66 1.60
CA ASN A 182 8.87 13.93 1.66
C ASN A 182 9.68 13.84 0.37
N THR A 183 9.39 14.74 -0.58
CA THR A 183 10.12 14.76 -1.84
C THR A 183 10.91 16.05 -2.04
N ALA A 184 12.14 15.92 -2.51
CA ALA A 184 13.00 17.06 -2.78
C ALA A 184 13.53 16.97 -4.21
N MET A 185 13.42 18.07 -4.97
CA MET A 185 13.88 18.11 -6.35
C MET A 185 15.32 18.61 -6.46
N LEU A 186 16.19 17.78 -7.04
CA LEU A 186 17.59 18.15 -7.25
C LEU A 186 17.72 18.28 -8.78
N LEU A 187 17.36 19.45 -9.28
CA LEU A 187 17.36 19.76 -10.70
C LEU A 187 18.70 19.81 -11.44
N GLY A 188 18.73 19.25 -12.65
CA GLY A 188 19.94 19.25 -13.47
C GLY A 188 20.09 17.99 -14.30
N ASP A 189 20.98 18.03 -15.29
CA ASP A 189 21.23 16.87 -16.15
C ASP A 189 21.55 15.70 -15.22
N ALA A 190 21.04 14.51 -15.52
CA ALA A 190 21.28 13.35 -14.68
C ALA A 190 22.75 13.00 -14.55
N LYS A 191 23.55 13.29 -15.57
CA LYS A 191 24.96 12.97 -15.49
C LYS A 191 25.75 14.03 -14.73
N LYS A 192 25.47 15.30 -14.99
CA LYS A 192 26.18 16.36 -14.27
C LYS A 192 25.94 16.16 -12.78
N THR A 193 24.67 16.02 -12.41
CA THR A 193 24.33 15.83 -11.02
C THR A 193 25.06 14.62 -10.42
N CYS A 194 24.95 13.47 -11.06
CA CYS A 194 25.61 12.26 -10.58
C CYS A 194 27.12 12.35 -10.54
N ASP A 195 27.74 13.16 -11.41
CA ASP A 195 29.20 13.31 -11.39
C ASP A 195 29.58 14.10 -10.14
N ALA A 196 28.72 15.06 -9.79
CA ALA A 196 28.93 15.91 -8.63
C ALA A 196 28.79 15.12 -7.35
N LEU A 197 27.64 14.47 -7.15
CA LEU A 197 27.46 13.69 -5.93
C LEU A 197 28.60 12.69 -5.81
N GLN A 198 28.92 12.02 -6.92
CA GLN A 198 30.01 11.04 -6.93
C GLN A 198 31.30 11.63 -6.37
N ALA A 199 31.63 12.84 -6.78
CA ALA A 199 32.84 13.51 -6.33
C ALA A 199 32.76 13.91 -4.86
N LYS A 200 31.68 14.61 -4.50
CA LYS A 200 31.49 15.05 -3.12
C LYS A 200 31.41 13.90 -2.13
N VAL A 201 30.93 12.74 -2.57
CA VAL A 201 30.84 11.59 -1.67
C VAL A 201 32.23 10.99 -1.54
N ARG A 202 33.10 11.29 -2.50
CA ARG A 202 34.47 10.80 -2.48
C ARG A 202 35.27 11.68 -1.50
N GLU A 203 34.84 12.94 -1.39
CA GLU A 203 35.48 13.89 -0.48
C GLU A 203 35.01 13.60 0.94
N SER A 204 34.71 12.32 1.19
CA SER A 204 34.25 11.88 2.50
C SER A 204 34.96 10.56 2.83
N PRO B 23 4.02 -18.87 34.25
CA PRO B 23 3.04 -19.86 34.75
C PRO B 23 1.70 -19.22 35.12
N MET B 24 0.88 -18.96 34.10
CA MET B 24 -0.44 -18.34 34.30
C MET B 24 -1.51 -18.99 33.42
N GLU B 25 -2.72 -18.46 33.46
CA GLU B 25 -3.80 -19.01 32.66
C GLU B 25 -5.04 -18.11 32.52
N ILE B 26 -5.08 -17.35 31.43
CA ILE B 26 -6.18 -16.44 31.15
C ILE B 26 -7.42 -17.19 30.68
N SER B 27 -8.52 -16.46 30.50
CA SER B 27 -9.76 -17.03 30.02
C SER B 27 -10.37 -16.02 29.06
N GLY B 28 -11.26 -16.48 28.18
CA GLY B 28 -11.87 -15.58 27.22
C GLY B 28 -13.22 -16.11 26.78
N THR B 29 -14.13 -15.22 26.40
CA THR B 29 -15.41 -15.68 25.95
C THR B 29 -15.75 -15.06 24.61
N HIS B 30 -16.47 -15.81 23.78
CA HIS B 30 -16.87 -15.30 22.48
C HIS B 30 -18.39 -15.22 22.53
N THR B 31 -18.96 -14.42 21.66
CA THR B 31 -20.40 -14.27 21.62
C THR B 31 -20.93 -14.62 20.25
N GLU B 32 -21.78 -15.63 20.17
CA GLU B 32 -22.39 -16.05 18.92
C GLU B 32 -23.77 -15.42 18.80
N ILE B 33 -23.96 -14.59 17.79
CA ILE B 33 -25.25 -13.92 17.60
C ILE B 33 -26.02 -14.46 16.42
N ASN B 34 -27.26 -14.00 16.24
CA ASN B 34 -28.08 -14.45 15.13
C ASN B 34 -28.31 -13.30 14.15
N LEU B 35 -29.00 -13.58 13.05
CA LEU B 35 -29.23 -12.58 12.02
C LEU B 35 -29.92 -11.29 12.48
N ASP B 36 -31.02 -11.40 13.22
CA ASP B 36 -31.73 -10.22 13.70
C ASP B 36 -30.85 -9.36 14.57
N ASN B 37 -30.06 -10.01 15.42
CA ASN B 37 -29.15 -9.32 16.32
C ASN B 37 -28.17 -8.46 15.52
N ALA B 38 -27.63 -9.02 14.44
CA ALA B 38 -26.67 -8.29 13.61
C ALA B 38 -27.36 -7.17 12.87
N ILE B 39 -28.64 -7.36 12.58
CA ILE B 39 -29.43 -6.37 11.88
C ILE B 39 -29.57 -5.10 12.73
N ASP B 40 -29.88 -5.29 14.01
CA ASP B 40 -30.01 -4.15 14.91
C ASP B 40 -28.69 -3.43 14.99
N MET B 41 -27.62 -4.18 15.20
CA MET B 41 -26.29 -3.57 15.29
C MET B 41 -26.03 -2.72 14.05
N ILE B 42 -26.31 -3.29 12.88
CA ILE B 42 -26.09 -2.58 11.62
C ILE B 42 -27.01 -1.39 11.49
N ARG B 43 -28.23 -1.52 12.01
CA ARG B 43 -29.21 -0.46 11.95
C ARG B 43 -28.87 0.70 12.89
N GLU B 44 -28.13 0.41 13.95
CA GLU B 44 -27.77 1.43 14.92
C GLU B 44 -26.47 2.18 14.63
N ALA B 45 -25.57 1.56 13.87
CA ALA B 45 -24.30 2.20 13.54
C ALA B 45 -24.48 3.24 12.46
N ASN B 46 -23.63 4.26 12.47
CA ASN B 46 -23.69 5.32 11.49
C ASN B 46 -22.50 5.25 10.55
N SER B 47 -21.40 4.70 11.05
CA SER B 47 -20.19 4.54 10.26
C SER B 47 -19.87 3.04 10.25
N ILE B 48 -19.81 2.46 9.07
CA ILE B 48 -19.52 1.03 8.94
C ILE B 48 -18.32 0.79 8.03
N ILE B 49 -17.43 -0.08 8.47
CA ILE B 49 -16.26 -0.42 7.67
C ILE B 49 -16.29 -1.92 7.46
N ILE B 50 -16.08 -2.35 6.21
CA ILE B 50 -16.08 -3.77 5.88
C ILE B 50 -14.68 -4.23 5.47
N THR B 51 -14.20 -5.28 6.12
CA THR B 51 -12.89 -5.83 5.81
C THR B 51 -13.05 -7.26 5.26
N PRO B 52 -13.10 -7.40 3.92
CA PRO B 52 -13.27 -8.70 3.27
C PRO B 52 -11.97 -9.47 3.10
N GLY B 53 -12.08 -10.79 3.09
CA GLY B 53 -10.91 -11.62 2.93
C GLY B 53 -11.26 -12.87 2.12
N TYR B 54 -10.33 -13.81 2.04
CA TYR B 54 -10.54 -15.03 1.29
C TYR B 54 -11.91 -15.65 1.45
N GLY B 55 -12.46 -15.63 2.65
CA GLY B 55 -13.76 -16.23 2.86
C GLY B 55 -14.87 -15.64 2.01
N LEU B 56 -14.75 -14.36 1.65
CA LEU B 56 -15.76 -13.71 0.83
C LEU B 56 -15.71 -14.30 -0.58
N CYS B 57 -14.51 -14.42 -1.15
CA CYS B 57 -14.31 -14.97 -2.48
C CYS B 57 -14.80 -16.42 -2.54
N ALA B 58 -14.24 -17.26 -1.67
CA ALA B 58 -14.58 -18.68 -1.62
C ALA B 58 -16.09 -18.96 -1.62
N ALA B 59 -16.85 -18.12 -0.93
CA ALA B 59 -18.30 -18.30 -0.87
C ALA B 59 -19.00 -17.48 -1.94
N LYS B 60 -18.22 -16.72 -2.69
CA LYS B 60 -18.75 -15.87 -3.76
C LYS B 60 -19.81 -14.92 -3.24
N ALA B 61 -19.50 -14.25 -2.12
CA ALA B 61 -20.46 -13.32 -1.51
C ALA B 61 -20.31 -11.87 -1.96
N GLN B 62 -19.46 -11.62 -2.95
CA GLN B 62 -19.24 -10.27 -3.46
C GLN B 62 -20.54 -9.57 -3.81
N TYR B 63 -21.43 -10.32 -4.45
CA TYR B 63 -22.70 -9.78 -4.93
C TYR B 63 -23.73 -9.40 -3.88
N PRO B 64 -24.05 -10.31 -2.95
CA PRO B 64 -25.03 -9.90 -1.95
C PRO B 64 -24.52 -8.73 -1.11
N ILE B 65 -23.24 -8.79 -0.73
CA ILE B 65 -22.65 -7.74 0.08
C ILE B 65 -22.66 -6.39 -0.64
N ALA B 66 -22.53 -6.41 -1.96
CA ALA B 66 -22.54 -5.17 -2.73
C ALA B 66 -23.92 -4.50 -2.69
N ASP B 67 -24.97 -5.31 -2.79
CA ASP B 67 -26.34 -4.78 -2.74
C ASP B 67 -26.59 -4.19 -1.36
N LEU B 68 -26.21 -4.95 -0.35
CA LEU B 68 -26.38 -4.54 1.04
C LEU B 68 -25.71 -3.19 1.29
N VAL B 69 -24.51 -3.02 0.74
CA VAL B 69 -23.77 -1.78 0.90
C VAL B 69 -24.48 -0.62 0.20
N LYS B 70 -25.18 -0.93 -0.88
CA LYS B 70 -25.88 0.11 -1.63
C LYS B 70 -27.08 0.64 -0.84
N MET B 71 -27.89 -0.26 -0.31
CA MET B 71 -29.07 0.13 0.47
C MET B 71 -28.65 0.91 1.72
N LEU B 72 -27.61 0.43 2.40
CA LEU B 72 -27.12 1.08 3.60
C LEU B 72 -26.64 2.49 3.29
N THR B 73 -26.02 2.66 2.12
CA THR B 73 -25.54 3.96 1.70
C THR B 73 -26.74 4.86 1.48
N GLU B 74 -27.81 4.27 0.94
CA GLU B 74 -29.04 5.01 0.70
C GLU B 74 -29.62 5.51 2.02
N GLN B 75 -29.69 4.63 3.02
CA GLN B 75 -30.22 5.00 4.33
C GLN B 75 -29.36 6.05 5.03
N GLY B 76 -28.38 6.59 4.31
CA GLY B 76 -27.53 7.62 4.89
C GLY B 76 -26.30 7.16 5.64
N LYS B 77 -26.16 5.85 5.85
CA LYS B 77 -25.01 5.33 6.58
C LYS B 77 -23.73 5.48 5.78
N LYS B 78 -22.65 5.79 6.46
CA LYS B 78 -21.35 5.92 5.82
C LYS B 78 -20.76 4.51 5.80
N VAL B 79 -20.73 3.90 4.62
CA VAL B 79 -20.20 2.55 4.48
C VAL B 79 -18.98 2.55 3.58
N ARG B 80 -17.93 1.84 4.00
CA ARG B 80 -16.69 1.74 3.23
C ARG B 80 -16.02 0.38 3.41
N PHE B 81 -15.10 0.05 2.50
CA PHE B 81 -14.37 -1.20 2.58
C PHE B 81 -12.92 -0.92 2.90
N GLY B 82 -12.34 -1.73 3.77
CA GLY B 82 -10.94 -1.58 4.13
C GLY B 82 -10.28 -2.83 3.60
N ILE B 83 -9.35 -2.68 2.67
CA ILE B 83 -8.69 -3.83 2.07
C ILE B 83 -7.24 -4.04 2.43
N HIS B 84 -6.91 -5.22 2.97
CA HIS B 84 -5.54 -5.52 3.34
C HIS B 84 -4.74 -5.82 2.08
N PRO B 85 -3.45 -5.45 2.05
CA PRO B 85 -2.59 -5.71 0.90
C PRO B 85 -2.51 -7.17 0.46
N VAL B 86 -2.62 -8.10 1.40
CA VAL B 86 -2.56 -9.51 1.03
C VAL B 86 -3.85 -10.25 1.38
N ALA B 87 -4.97 -9.54 1.29
CA ALA B 87 -6.26 -10.17 1.56
C ALA B 87 -6.47 -11.19 0.44
N GLY B 88 -7.19 -12.26 0.74
CA GLY B 88 -7.42 -13.28 -0.28
C GLY B 88 -6.14 -14.02 -0.64
N ARG B 89 -6.21 -14.89 -1.65
CA ARG B 89 -5.07 -15.69 -2.08
C ARG B 89 -4.32 -15.12 -3.29
N MET B 90 -4.79 -14.02 -3.85
CA MET B 90 -4.11 -13.40 -5.00
C MET B 90 -4.09 -11.88 -4.91
N PRO B 91 -3.07 -11.25 -5.52
CA PRO B 91 -2.89 -9.79 -5.53
C PRO B 91 -4.13 -9.04 -6.01
N GLY B 92 -4.62 -8.13 -5.16
CA GLY B 92 -5.79 -7.34 -5.51
C GLY B 92 -7.03 -8.16 -5.77
N GLN B 93 -7.04 -9.40 -5.29
CA GLN B 93 -8.19 -10.28 -5.49
C GLN B 93 -9.49 -9.69 -4.99
N LEU B 94 -9.50 -9.19 -3.76
CA LEU B 94 -10.72 -8.61 -3.21
C LEU B 94 -11.11 -7.33 -3.92
N ASN B 95 -10.12 -6.57 -4.37
CA ASN B 95 -10.41 -5.34 -5.09
C ASN B 95 -11.14 -5.67 -6.39
N VAL B 96 -10.59 -6.63 -7.14
CA VAL B 96 -11.16 -7.04 -8.41
C VAL B 96 -12.58 -7.58 -8.27
N LEU B 97 -12.76 -8.58 -7.41
CA LEU B 97 -14.08 -9.19 -7.21
C LEU B 97 -15.15 -8.22 -6.71
N LEU B 98 -14.74 -7.17 -5.99
CA LEU B 98 -15.71 -6.20 -5.52
C LEU B 98 -16.10 -5.30 -6.68
N ALA B 99 -15.10 -4.90 -7.46
CA ALA B 99 -15.34 -4.05 -8.62
C ALA B 99 -16.32 -4.80 -9.53
N GLU B 100 -15.97 -6.03 -9.87
CA GLU B 100 -16.83 -6.87 -10.71
C GLU B 100 -18.23 -6.95 -10.12
N ALA B 101 -18.32 -6.87 -8.80
CA ALA B 101 -19.61 -6.94 -8.10
C ALA B 101 -20.38 -5.62 -8.12
N GLY B 102 -19.78 -4.58 -8.70
CA GLY B 102 -20.45 -3.30 -8.77
C GLY B 102 -20.16 -2.29 -7.65
N VAL B 103 -19.33 -2.69 -6.69
CA VAL B 103 -18.98 -1.80 -5.58
C VAL B 103 -18.13 -0.62 -6.06
N PRO B 104 -18.62 0.62 -5.84
CA PRO B 104 -17.93 1.84 -6.24
C PRO B 104 -16.50 1.90 -5.74
N TYR B 105 -15.61 2.44 -6.56
CA TYR B 105 -14.20 2.52 -6.20
C TYR B 105 -13.87 3.53 -5.10
N ASP B 106 -14.64 4.61 -5.01
CA ASP B 106 -14.35 5.60 -4.00
C ASP B 106 -14.63 5.17 -2.56
N ILE B 107 -15.31 4.04 -2.37
CA ILE B 107 -15.58 3.56 -1.01
C ILE B 107 -14.80 2.28 -0.72
N VAL B 108 -13.75 2.05 -1.49
CA VAL B 108 -12.89 0.89 -1.32
C VAL B 108 -11.53 1.49 -1.06
N LEU B 109 -10.99 1.29 0.14
CA LEU B 109 -9.70 1.85 0.48
C LEU B 109 -8.70 0.80 0.93
N GLU B 110 -7.42 1.11 0.81
CA GLU B 110 -6.39 0.19 1.25
C GLU B 110 -6.15 0.43 2.73
N MET B 111 -5.70 -0.61 3.41
CA MET B 111 -5.42 -0.57 4.84
C MET B 111 -4.74 0.71 5.31
N ASP B 112 -3.54 0.96 4.80
CA ASP B 112 -2.78 2.13 5.19
C ASP B 112 -3.49 3.48 5.11
N GLU B 113 -4.64 3.55 4.46
CA GLU B 113 -5.33 4.83 4.37
C GLU B 113 -6.66 4.85 5.12
N ILE B 114 -7.02 3.73 5.74
CA ILE B 114 -8.26 3.68 6.48
C ILE B 114 -8.06 3.18 7.91
N ASN B 115 -6.90 2.60 8.18
CA ASN B 115 -6.60 2.05 9.49
C ASN B 115 -6.80 3.05 10.63
N HIS B 116 -6.31 4.27 10.46
CA HIS B 116 -6.45 5.29 11.50
C HIS B 116 -7.90 5.69 11.78
N ASP B 117 -8.84 5.18 10.99
CA ASP B 117 -10.24 5.52 11.17
C ASP B 117 -11.00 4.51 12.00
N PHE B 118 -10.34 3.42 12.37
CA PHE B 118 -11.04 2.42 13.15
C PHE B 118 -11.53 2.90 14.51
N PRO B 119 -10.71 3.67 15.24
CA PRO B 119 -11.16 4.14 16.55
C PRO B 119 -12.44 4.97 16.46
N ASP B 120 -12.69 5.56 15.29
CA ASP B 120 -13.87 6.39 15.07
C ASP B 120 -15.00 5.66 14.36
N THR B 121 -14.87 4.36 14.18
CA THR B 121 -15.91 3.61 13.47
C THR B 121 -16.84 2.84 14.39
N ASP B 122 -18.13 3.05 14.20
CA ASP B 122 -19.15 2.41 15.02
C ASP B 122 -19.21 0.89 14.87
N LEU B 123 -19.24 0.41 13.62
CA LEU B 123 -19.34 -1.01 13.35
C LEU B 123 -18.40 -1.48 12.25
N VAL B 124 -17.76 -2.62 12.49
CA VAL B 124 -16.85 -3.21 11.52
C VAL B 124 -17.37 -4.59 11.18
N LEU B 125 -17.45 -4.88 9.88
CA LEU B 125 -17.92 -6.17 9.41
C LEU B 125 -16.77 -6.99 8.82
N VAL B 126 -16.30 -7.97 9.59
CA VAL B 126 -15.21 -8.82 9.14
C VAL B 126 -15.87 -9.96 8.38
N ILE B 127 -15.84 -9.88 7.06
CA ILE B 127 -16.45 -10.89 6.21
C ILE B 127 -15.40 -11.77 5.54
N GLY B 128 -15.22 -12.97 6.08
CA GLY B 128 -14.26 -13.88 5.51
C GLY B 128 -12.82 -13.47 5.69
N ALA B 129 -12.56 -12.47 6.53
CA ALA B 129 -11.18 -12.07 6.78
C ALA B 129 -10.81 -12.62 8.14
N ASN B 130 -9.53 -12.94 8.33
CA ASN B 130 -9.06 -13.48 9.60
C ASN B 130 -7.64 -12.96 9.85
N ASP B 131 -6.67 -13.53 9.12
CA ASP B 131 -5.27 -13.16 9.25
C ASP B 131 -5.03 -11.66 9.07
N THR B 132 -5.81 -11.03 8.21
CA THR B 132 -5.62 -9.61 7.96
C THR B 132 -6.21 -8.72 9.05
N VAL B 133 -6.88 -9.33 10.01
CA VAL B 133 -7.47 -8.60 11.12
C VAL B 133 -7.11 -9.29 12.44
N ASN B 134 -5.95 -9.94 12.47
CA ASN B 134 -5.53 -10.66 13.67
C ASN B 134 -4.70 -9.82 14.63
N SER B 135 -5.29 -9.46 15.77
CA SER B 135 -4.58 -8.64 16.75
C SER B 135 -3.37 -9.32 17.39
N ALA B 136 -3.18 -10.61 17.14
CA ALA B 136 -2.02 -11.32 17.69
C ALA B 136 -0.75 -10.81 17.04
N ALA B 137 -0.90 -10.02 15.98
CA ALA B 137 0.24 -9.44 15.28
C ALA B 137 0.84 -8.34 16.16
N GLN B 138 -0.01 -7.77 17.00
CA GLN B 138 0.43 -6.71 17.91
C GLN B 138 0.51 -7.15 19.37
N GLU B 139 -0.46 -7.94 19.81
CA GLU B 139 -0.53 -8.40 21.20
C GLU B 139 0.32 -9.63 21.55
N ASP B 140 1.14 -10.11 20.61
CA ASP B 140 1.98 -11.27 20.89
C ASP B 140 3.25 -11.25 20.06
N PRO B 141 4.39 -10.98 20.70
CA PRO B 141 5.72 -10.91 20.07
C PRO B 141 6.29 -12.28 19.69
N ASN B 142 5.76 -13.33 20.29
CA ASN B 142 6.21 -14.68 19.98
C ASN B 142 5.43 -15.24 18.80
N SER B 143 4.29 -14.62 18.52
CA SER B 143 3.45 -15.05 17.41
C SER B 143 4.23 -15.00 16.11
N ILE B 144 3.94 -15.95 15.21
CA ILE B 144 4.62 -16.03 13.93
C ILE B 144 4.25 -14.91 12.96
N ILE B 145 3.19 -14.16 13.27
CA ILE B 145 2.80 -13.04 12.43
C ILE B 145 3.11 -11.72 13.16
N ALA B 146 3.84 -11.83 14.27
CA ALA B 146 4.19 -10.66 15.08
C ALA B 146 4.83 -9.51 14.30
N GLY B 147 4.35 -8.30 14.54
CA GLY B 147 4.91 -7.14 13.87
C GLY B 147 4.34 -6.85 12.49
N MET B 148 3.63 -7.81 11.94
CA MET B 148 3.04 -7.62 10.62
C MET B 148 1.81 -6.72 10.72
N PRO B 149 1.66 -5.79 9.77
CA PRO B 149 0.51 -4.89 9.77
C PRO B 149 -0.79 -5.63 9.50
N VAL B 150 -1.86 -5.18 10.14
CA VAL B 150 -3.17 -5.78 9.97
C VAL B 150 -4.21 -4.67 10.04
N LEU B 151 -5.47 -5.01 9.79
CA LEU B 151 -6.54 -4.02 9.88
C LEU B 151 -6.94 -4.06 11.35
N GLU B 152 -6.80 -2.94 12.04
CA GLU B 152 -7.11 -2.85 13.46
C GLU B 152 -8.58 -2.71 13.75
N VAL B 153 -9.36 -3.64 13.22
CA VAL B 153 -10.81 -3.66 13.39
C VAL B 153 -11.28 -3.69 14.84
N TRP B 154 -10.45 -4.19 15.75
CA TRP B 154 -10.82 -4.29 17.16
C TRP B 154 -10.90 -2.95 17.92
N LYS B 155 -10.27 -1.91 17.38
CA LYS B 155 -10.30 -0.59 18.02
C LYS B 155 -11.64 0.11 17.83
N SER B 156 -12.55 -0.52 17.09
CA SER B 156 -13.87 0.05 16.81
C SER B 156 -14.84 -0.27 17.93
N LYS B 157 -16.00 0.38 17.92
CA LYS B 157 -17.00 0.17 18.94
C LYS B 157 -17.52 -1.27 18.93
N GLN B 158 -18.01 -1.70 17.77
CA GLN B 158 -18.52 -3.06 17.62
C GLN B 158 -17.96 -3.77 16.39
N VAL B 159 -17.72 -5.08 16.54
CA VAL B 159 -17.19 -5.89 15.46
C VAL B 159 -18.01 -7.16 15.29
N ILE B 160 -18.41 -7.47 14.06
CA ILE B 160 -19.16 -8.70 13.79
C ILE B 160 -18.29 -9.53 12.87
N VAL B 161 -17.92 -10.72 13.30
CA VAL B 161 -17.08 -11.58 12.48
C VAL B 161 -17.92 -12.63 11.76
N MET B 162 -17.90 -12.58 10.43
CA MET B 162 -18.66 -13.52 9.60
C MET B 162 -17.78 -14.60 8.97
N LYS B 163 -17.81 -15.78 9.56
CA LYS B 163 -17.06 -16.92 9.07
C LYS B 163 -17.80 -18.14 9.57
N ARG B 164 -17.30 -19.34 9.28
CA ARG B 164 -17.99 -20.55 9.66
C ARG B 164 -17.68 -21.08 11.04
N SER B 165 -16.52 -20.74 11.58
CA SER B 165 -16.13 -21.24 12.89
C SER B 165 -15.16 -20.30 13.58
N LEU B 166 -14.62 -20.76 14.71
CA LEU B 166 -13.64 -20.02 15.49
C LEU B 166 -12.25 -20.43 15.01
N GLY B 167 -12.24 -21.21 13.92
CA GLY B 167 -11.00 -21.72 13.37
C GLY B 167 -10.09 -20.69 12.73
N VAL B 168 -8.89 -21.16 12.38
CA VAL B 168 -7.84 -20.35 11.79
C VAL B 168 -7.97 -19.95 10.32
N GLY B 169 -6.94 -19.27 9.85
CA GLY B 169 -6.87 -18.81 8.48
C GLY B 169 -5.61 -19.36 7.85
N TYR B 170 -5.20 -18.78 6.72
CA TYR B 170 -4.03 -19.24 6.01
C TYR B 170 -2.81 -19.44 6.90
N ALA B 171 -2.50 -18.42 7.71
CA ALA B 171 -1.34 -18.44 8.60
C ALA B 171 -1.41 -19.48 9.71
N ALA B 172 -2.57 -20.12 9.85
CA ALA B 172 -2.75 -21.16 10.85
C ALA B 172 -2.44 -20.74 12.30
N VAL B 173 -2.96 -19.59 12.71
CA VAL B 173 -2.79 -19.06 14.07
C VAL B 173 -4.12 -18.54 14.62
N ASP B 174 -4.38 -18.84 15.89
CA ASP B 174 -5.61 -18.38 16.55
C ASP B 174 -5.76 -16.86 16.41
N ASN B 175 -7.01 -16.39 16.40
CA ASN B 175 -7.26 -14.95 16.30
C ASN B 175 -7.92 -14.45 17.59
N PRO B 176 -7.18 -13.68 18.41
CA PRO B 176 -7.71 -13.15 19.67
C PRO B 176 -9.00 -12.34 19.59
N ILE B 177 -9.23 -11.61 18.51
CA ILE B 177 -10.43 -10.78 18.42
C ILE B 177 -11.79 -11.48 18.54
N PHE B 178 -11.82 -12.80 18.38
CA PHE B 178 -13.09 -13.55 18.49
C PHE B 178 -13.51 -13.58 19.95
N TYR B 179 -12.55 -13.33 20.84
CA TYR B 179 -12.80 -13.38 22.28
C TYR B 179 -12.78 -12.01 22.97
N LYS B 180 -12.75 -10.95 22.18
CA LYS B 180 -12.74 -9.61 22.72
C LYS B 180 -14.17 -9.20 23.04
N PRO B 181 -14.37 -8.45 24.13
CA PRO B 181 -15.70 -8.00 24.54
C PRO B 181 -16.54 -7.29 23.48
N ASN B 182 -15.91 -6.62 22.53
CA ASN B 182 -16.68 -5.94 21.49
C ASN B 182 -16.79 -6.69 20.15
N THR B 183 -16.59 -8.01 20.19
CA THR B 183 -16.68 -8.85 18.99
C THR B 183 -17.85 -9.81 19.06
N ALA B 184 -18.65 -9.88 18.01
CA ALA B 184 -19.78 -10.80 17.93
C ALA B 184 -19.54 -11.73 16.74
N MET B 185 -19.78 -13.03 16.94
CA MET B 185 -19.58 -14.02 15.88
C MET B 185 -20.90 -14.37 15.19
N LEU B 186 -20.99 -14.08 13.90
CA LEU B 186 -22.19 -14.42 13.13
C LEU B 186 -21.71 -15.61 12.30
N LEU B 187 -21.82 -16.82 12.85
CA LEU B 187 -21.31 -18.01 12.17
C LEU B 187 -22.17 -18.55 11.03
N GLY B 188 -21.49 -19.00 9.98
CA GLY B 188 -22.14 -19.55 8.81
C GLY B 188 -21.42 -19.22 7.52
N ASP B 189 -21.77 -19.90 6.43
CA ASP B 189 -21.15 -19.64 5.14
C ASP B 189 -21.40 -18.16 4.82
N ALA B 190 -20.39 -17.48 4.30
CA ALA B 190 -20.50 -16.05 4.00
C ALA B 190 -21.61 -15.66 3.03
N LYS B 191 -21.88 -16.49 2.02
CA LYS B 191 -22.92 -16.16 1.06
C LYS B 191 -24.30 -16.33 1.68
N LYS B 192 -24.53 -17.46 2.34
CA LYS B 192 -25.82 -17.70 2.98
C LYS B 192 -26.13 -16.55 3.92
N THR B 193 -25.14 -16.15 4.71
CA THR B 193 -25.30 -15.05 5.66
C THR B 193 -25.54 -13.72 4.98
N CYS B 194 -24.67 -13.36 4.03
CA CYS B 194 -24.84 -12.09 3.34
C CYS B 194 -26.13 -12.00 2.52
N ASP B 195 -26.64 -13.14 2.08
CA ASP B 195 -27.90 -13.14 1.34
C ASP B 195 -29.01 -12.84 2.33
N ALA B 196 -28.89 -13.42 3.53
CA ALA B 196 -29.88 -13.21 4.57
C ALA B 196 -29.92 -11.74 4.94
N LEU B 197 -28.76 -11.19 5.31
CA LEU B 197 -28.67 -9.78 5.71
C LEU B 197 -29.25 -8.84 4.65
N GLN B 198 -28.79 -8.99 3.42
CA GLN B 198 -29.26 -8.19 2.30
C GLN B 198 -30.79 -8.25 2.16
N ALA B 199 -31.36 -9.42 2.45
CA ALA B 199 -32.80 -9.62 2.35
C ALA B 199 -33.55 -8.93 3.48
N LYS B 200 -33.14 -9.17 4.72
CA LYS B 200 -33.79 -8.55 5.89
C LYS B 200 -33.58 -7.04 5.92
N VAL B 201 -32.53 -6.56 5.26
CA VAL B 201 -32.25 -5.13 5.21
C VAL B 201 -33.17 -4.46 4.21
N ARG B 202 -33.64 -5.23 3.23
CA ARG B 202 -34.55 -4.70 2.23
C ARG B 202 -35.84 -4.30 2.95
N GLU B 203 -36.25 -5.14 3.90
CA GLU B 203 -37.45 -4.91 4.70
C GLU B 203 -37.22 -3.82 5.73
N SER B 204 -36.84 -2.64 5.27
CA SER B 204 -36.60 -1.50 6.14
C SER B 204 -36.61 -0.20 5.33
#